data_5ZKO
#
_entry.id   5ZKO
#
_cell.length_a   50.300
_cell.length_b   41.320
_cell.length_c   122.580
_cell.angle_alpha   90.000
_cell.angle_beta   90.610
_cell.angle_gamma   90.000
#
_symmetry.space_group_name_H-M   'P 1 21 1'
#
loop_
_entity.id
_entity.type
_entity.pdbx_description
1 polymer 'Cyclic AMP-responsive element-binding protein 1'
2 polymer "DNA (5'-D(*CP*TP*TP*GP*GP*CP*TP*GP*AP*CP*GP*TP*CP*AP*GP*CP*CP*AP*AP*G)-3')"
3 polymer 'CREB-regulated transcription coactivator 2'
#
loop_
_entity_poly.entity_id
_entity_poly.type
_entity_poly.pdbx_seq_one_letter_code
_entity_poly.pdbx_strand_id
1 'polypeptide(L)' ARKREVRLMKNREAARECRRKKKEYVKCLENRVAVLENQNKTLIEELKALKDLYCHKSD A,C
2 'polydeoxyribonucleotide' (DC)(DT)(DT)(DG)(DG)(DC)(DT)(DG)(DA)(DC)(DG)(DT)(DC)(DA)(DG)(DC)(DC)(DA)(DA)(DG) B,D
3 'polypeptide(L)' MATSGANGPGSATASASNPRKFSEKIALQKQRQAEETAAFEEVMMDIGSTRLQAQKLRLAYTRSSHYGGSLPNVNQIGCG G,H
#
# COMPACT_ATOMS: atom_id res chain seq x y z
N LYS A 3 14.78 -42.52 14.48
CA LYS A 3 14.40 -41.85 13.24
C LYS A 3 13.27 -40.87 13.48
N ARG A 4 12.35 -41.23 14.36
CA ARG A 4 11.22 -40.38 14.70
C ARG A 4 11.67 -39.12 15.44
N GLU A 5 12.56 -39.31 16.42
CA GLU A 5 13.05 -38.21 17.24
C GLU A 5 13.80 -37.18 16.38
N VAL A 6 14.51 -37.67 15.37
CA VAL A 6 15.28 -36.79 14.48
C VAL A 6 14.34 -36.00 13.57
N ARG A 7 13.37 -36.68 12.98
CA ARG A 7 12.42 -36.05 12.07
C ARG A 7 11.58 -34.98 12.79
N LEU A 8 11.19 -35.28 14.03
CA LEU A 8 10.41 -34.35 14.82
C LEU A 8 11.21 -33.10 15.17
N MET A 9 12.44 -33.30 15.62
CA MET A 9 13.30 -32.19 16.02
C MET A 9 13.63 -31.27 14.85
N LYS A 10 13.84 -31.86 13.68
CA LYS A 10 14.16 -31.09 12.49
C LYS A 10 12.97 -30.23 12.06
N ASN A 11 11.78 -30.82 12.08
CA ASN A 11 10.57 -30.11 11.66
C ASN A 11 10.13 -29.08 12.70
N ARG A 12 10.31 -29.42 13.98
CA ARG A 12 9.99 -28.52 15.08
C ARG A 12 10.86 -27.26 15.02
N GLU A 13 12.11 -27.44 14.63
CA GLU A 13 13.05 -26.33 14.52
C GLU A 13 12.84 -25.58 13.21
N ALA A 14 12.28 -26.26 12.22
CA ALA A 14 12.03 -25.65 10.92
C ALA A 14 10.66 -24.99 10.87
N ALA A 15 9.87 -25.21 11.93
CA ALA A 15 8.55 -24.59 12.02
C ALA A 15 8.66 -23.23 12.70
N ARG A 16 9.61 -23.10 13.61
CA ARG A 16 9.83 -21.83 14.32
C ARG A 16 10.32 -20.75 13.37
N GLU A 17 11.21 -21.12 12.45
CA GLU A 17 11.76 -20.18 11.49
C GLU A 17 10.70 -19.80 10.46
N CYS A 18 9.75 -20.70 10.24
CA CYS A 18 8.65 -20.45 9.32
C CYS A 18 7.70 -19.39 9.87
N ARG A 19 7.38 -19.51 11.15
CA ARG A 19 6.48 -18.56 11.81
C ARG A 19 7.15 -17.19 11.96
N ARG A 20 8.47 -17.21 12.10
CA ARG A 20 9.25 -15.97 12.20
C ARG A 20 9.21 -15.21 10.88
N LYS A 21 9.39 -15.93 9.78
CA LYS A 21 9.38 -15.32 8.46
C LYS A 21 8.01 -14.76 8.10
N LYS A 22 6.96 -15.45 8.52
CA LYS A 22 5.60 -14.99 8.27
C LYS A 22 5.33 -13.72 9.08
N LYS A 23 5.78 -13.72 10.33
CA LYS A 23 5.65 -12.55 11.20
C LYS A 23 6.31 -11.33 10.58
N GLU A 24 7.52 -11.53 10.05
CA GLU A 24 8.27 -10.47 9.40
C GLU A 24 7.59 -10.04 8.11
N TYR A 25 7.00 -10.99 7.40
CA TYR A 25 6.32 -10.72 6.15
C TYR A 25 5.07 -9.88 6.36
N VAL A 26 4.33 -10.19 7.43
CA VAL A 26 3.13 -9.42 7.77
C VAL A 26 3.51 -8.00 8.18
N LYS A 27 4.55 -7.89 8.99
CA LYS A 27 5.04 -6.59 9.42
C LYS A 27 5.56 -5.79 8.24
N CYS A 28 6.06 -6.51 7.23
CA CYS A 28 6.55 -5.87 6.02
C CYS A 28 5.40 -5.26 5.22
N LEU A 29 4.30 -5.98 5.12
CA LEU A 29 3.13 -5.50 4.40
C LEU A 29 2.52 -4.29 5.10
N GLU A 30 2.40 -4.38 6.42
CA GLU A 30 1.86 -3.27 7.22
C GLU A 30 2.72 -2.03 7.07
N ASN A 31 4.04 -2.23 7.08
CA ASN A 31 4.98 -1.14 6.91
C ASN A 31 4.89 -0.54 5.51
N ARG A 32 4.71 -1.41 4.51
CA ARG A 32 4.64 -0.96 3.13
C ARG A 32 3.31 -0.29 2.83
N VAL A 33 2.26 -0.71 3.53
CA VAL A 33 0.96 -0.06 3.42
C VAL A 33 1.04 1.37 3.92
N ALA A 34 1.70 1.55 5.07
CA ALA A 34 1.85 2.86 5.69
C ALA A 34 2.65 3.82 4.81
N VAL A 35 3.71 3.30 4.21
CA VAL A 35 4.56 4.11 3.34
C VAL A 35 3.80 4.52 2.08
N LEU A 36 3.16 3.55 1.43
CA LEU A 36 2.39 3.82 0.22
C LEU A 36 1.20 4.75 0.50
N GLU A 37 0.71 4.71 1.74
CA GLU A 37 -0.38 5.59 2.15
C GLU A 37 0.10 7.05 2.20
N ASN A 38 1.29 7.26 2.75
CA ASN A 38 1.86 8.60 2.85
C ASN A 38 2.22 9.16 1.48
N GLN A 39 2.79 8.31 0.63
CA GLN A 39 3.14 8.72 -0.72
C GLN A 39 1.89 9.06 -1.52
N ASN A 40 0.82 8.30 -1.28
CA ASN A 40 -0.46 8.53 -1.93
C ASN A 40 -1.03 9.90 -1.53
N LYS A 41 -0.98 10.19 -0.24
CA LYS A 41 -1.50 11.45 0.29
C LYS A 41 -0.72 12.66 -0.25
N THR A 42 0.58 12.49 -0.42
CA THR A 42 1.44 13.56 -0.88
C THR A 42 1.24 13.85 -2.37
N LEU A 43 1.16 12.79 -3.17
CA LEU A 43 0.95 12.93 -4.61
C LEU A 43 -0.41 13.53 -4.93
N ILE A 44 -1.42 13.15 -4.16
CA ILE A 44 -2.76 13.72 -4.31
C ILE A 44 -2.76 15.20 -3.97
N GLU A 45 -2.10 15.56 -2.87
CA GLU A 45 -2.06 16.94 -2.40
C GLU A 45 -1.31 17.84 -3.38
N GLU A 46 -0.28 17.29 -4.02
CA GLU A 46 0.54 18.07 -4.94
C GLU A 46 -0.14 18.19 -6.31
N LEU A 47 -0.72 17.10 -6.78
CA LEU A 47 -1.44 17.10 -8.05
C LEU A 47 -2.63 18.05 -7.97
N LYS A 48 -3.24 18.14 -6.80
CA LYS A 48 -4.34 19.06 -6.56
C LYS A 48 -3.84 20.50 -6.54
N ALA A 49 -2.58 20.67 -6.15
CA ALA A 49 -1.95 21.98 -6.14
C ALA A 49 -1.46 22.37 -7.53
N LEU A 50 -1.12 21.37 -8.33
CA LEU A 50 -0.63 21.61 -9.68
C LEU A 50 -1.79 21.96 -10.61
N LYS A 51 -2.99 21.54 -10.24
CA LYS A 51 -4.20 21.92 -10.97
C LYS A 51 -4.53 23.38 -10.67
N ASP A 52 -4.43 23.75 -9.40
CA ASP A 52 -4.68 25.12 -8.97
C ASP A 52 -3.67 26.09 -9.57
N LEU A 53 -2.48 25.59 -9.87
CA LEU A 53 -1.39 26.40 -10.39
C LEU A 53 -1.67 26.89 -11.81
N TYR A 54 -2.46 26.11 -12.55
CA TYR A 54 -2.76 26.46 -13.94
C TYR A 54 -4.27 26.64 -14.17
N CYS A 55 -5.02 26.85 -13.09
CA CYS A 55 -6.45 27.08 -13.19
C CYS A 55 -6.90 28.15 -12.20
N LYS C 3 -15.56 -29.16 32.69
CA LYS C 3 -15.49 -27.96 31.86
C LYS C 3 -14.38 -28.06 30.82
N ARG C 4 -13.38 -28.91 31.08
CA ARG C 4 -12.22 -29.03 30.21
C ARG C 4 -12.60 -29.55 28.81
N GLU C 5 -13.47 -30.55 28.77
CA GLU C 5 -13.93 -31.10 27.50
C GLU C 5 -14.74 -30.06 26.71
N VAL C 6 -15.35 -29.13 27.43
CA VAL C 6 -16.10 -28.05 26.80
C VAL C 6 -15.19 -26.89 26.46
N ARG C 7 -14.23 -26.61 27.35
CA ARG C 7 -13.28 -25.52 27.15
C ARG C 7 -12.39 -25.77 25.93
N LEU C 8 -11.92 -27.00 25.80
CA LEU C 8 -11.06 -27.37 24.67
C LEU C 8 -11.81 -27.27 23.35
N MET C 9 -13.05 -27.75 23.34
CA MET C 9 -13.88 -27.72 22.14
C MET C 9 -14.16 -26.28 21.69
N LYS C 10 -14.45 -25.41 22.67
CA LYS C 10 -14.70 -24.01 22.37
C LYS C 10 -13.43 -23.30 21.91
N ASN C 11 -12.30 -23.65 22.52
CA ASN C 11 -11.03 -23.01 22.19
C ASN C 11 -10.51 -23.42 20.82
N ARG C 12 -10.62 -24.70 20.49
CA ARG C 12 -10.14 -25.19 19.21
C ARG C 12 -11.07 -24.77 18.07
N GLU C 13 -12.29 -24.41 18.42
CA GLU C 13 -13.25 -23.91 17.44
C GLU C 13 -13.06 -22.40 17.26
N ALA C 14 -12.60 -21.73 18.31
CA ALA C 14 -12.31 -20.31 18.25
C ALA C 14 -10.88 -20.09 17.76
N ALA C 15 -10.20 -21.18 17.42
CA ALA C 15 -8.86 -21.12 16.88
C ALA C 15 -8.90 -21.16 15.35
N ARG C 16 -9.83 -21.94 14.81
CA ARG C 16 -10.01 -22.05 13.37
C ARG C 16 -10.45 -20.72 12.78
N GLU C 17 -11.41 -20.08 13.46
CA GLU C 17 -11.94 -18.81 12.99
C GLU C 17 -10.90 -17.71 13.14
N CYS C 18 -10.05 -17.85 14.16
CA CYS C 18 -8.96 -16.89 14.38
C CYS C 18 -7.94 -16.96 13.27
N ARG C 19 -7.58 -18.18 12.87
CA ARG C 19 -6.65 -18.37 11.77
C ARG C 19 -7.27 -17.95 10.44
N ARG C 20 -8.58 -18.14 10.33
CA ARG C 20 -9.31 -17.77 9.12
C ARG C 20 -9.38 -16.25 8.96
N LYS C 21 -9.53 -15.55 10.07
CA LYS C 21 -9.57 -14.09 10.03
C LYS C 21 -8.20 -13.51 9.71
N LYS C 22 -7.15 -14.15 10.20
CA LYS C 22 -5.78 -13.71 9.92
C LYS C 22 -5.47 -13.88 8.44
N LYS C 23 -5.87 -15.02 7.89
CA LYS C 23 -5.70 -15.30 6.46
C LYS C 23 -6.43 -14.27 5.62
N GLU C 24 -7.60 -13.86 6.10
CA GLU C 24 -8.38 -12.83 5.43
C GLU C 24 -7.73 -11.47 5.59
N TYR C 25 -7.09 -11.26 6.74
CA TYR C 25 -6.42 -10.00 7.02
C TYR C 25 -5.16 -9.82 6.16
N VAL C 26 -4.43 -10.91 5.95
CA VAL C 26 -3.22 -10.87 5.13
C VAL C 26 -3.57 -10.63 3.67
N LYS C 27 -4.59 -11.32 3.18
CA LYS C 27 -5.08 -11.13 1.82
C LYS C 27 -5.60 -9.70 1.64
N CYS C 28 -6.11 -9.13 2.72
CA CYS C 28 -6.59 -7.75 2.71
C CYS C 28 -5.42 -6.78 2.53
N LEU C 29 -4.34 -7.03 3.26
CA LEU C 29 -3.14 -6.21 3.15
C LEU C 29 -2.52 -6.31 1.77
N GLU C 30 -2.43 -7.53 1.25
CA GLU C 30 -1.89 -7.76 -0.08
C GLU C 30 -2.73 -7.08 -1.15
N ASN C 31 -4.05 -7.12 -0.96
CA ASN C 31 -4.98 -6.47 -1.89
C ASN C 31 -4.86 -4.96 -1.82
N ARG C 32 -4.78 -4.43 -0.60
CA ARG C 32 -4.65 -3.00 -0.37
C ARG C 32 -3.32 -2.48 -0.90
N VAL C 33 -2.27 -3.29 -0.78
CA VAL C 33 -0.97 -2.96 -1.33
C VAL C 33 -1.02 -2.82 -2.85
N ALA C 34 -1.71 -3.76 -3.50
CA ALA C 34 -1.84 -3.76 -4.95
C ALA C 34 -2.61 -2.55 -5.43
N VAL C 35 -3.64 -2.16 -4.67
CA VAL C 35 -4.45 -1.01 -5.03
C VAL C 35 -3.66 0.28 -4.87
N LEU C 36 -2.97 0.42 -3.76
CA LEU C 36 -2.14 1.60 -3.52
C LEU C 36 -0.99 1.67 -4.51
N GLU C 37 -0.61 0.52 -5.05
CA GLU C 37 0.42 0.47 -6.08
C GLU C 37 -0.07 1.12 -7.37
N ASN C 38 -1.24 0.70 -7.83
CA ASN C 38 -1.81 1.20 -9.07
C ASN C 38 -2.23 2.66 -8.96
N GLN C 39 -2.71 3.04 -7.78
CA GLN C 39 -3.12 4.42 -7.54
C GLN C 39 -1.92 5.37 -7.59
N ASN C 40 -0.86 5.02 -6.88
CA ASN C 40 0.36 5.83 -6.86
C ASN C 40 1.00 5.93 -8.24
N LYS C 41 1.05 4.81 -8.95
CA LYS C 41 1.64 4.79 -10.29
C LYS C 41 0.85 5.67 -11.25
N THR C 42 -0.46 5.68 -11.09
CA THR C 42 -1.33 6.52 -11.91
C THR C 42 -1.11 8.00 -11.62
N LEU C 43 -0.97 8.34 -10.34
CA LEU C 43 -0.75 9.72 -9.93
C LEU C 43 0.63 10.22 -10.37
N ILE C 44 1.62 9.32 -10.35
CA ILE C 44 2.97 9.67 -10.80
C ILE C 44 2.97 10.03 -12.28
N GLU C 45 2.36 9.17 -13.09
CA GLU C 45 2.31 9.38 -14.53
C GLU C 45 1.52 10.63 -14.88
N GLU C 46 0.45 10.89 -14.15
CA GLU C 46 -0.37 12.07 -14.39
C GLU C 46 0.37 13.35 -14.04
N LEU C 47 1.17 13.29 -12.97
CA LEU C 47 2.00 14.41 -12.57
C LEU C 47 3.09 14.67 -13.61
N LYS C 48 3.62 13.59 -14.18
CA LYS C 48 4.64 13.70 -15.22
C LYS C 48 4.02 14.22 -16.51
N ALA C 49 2.72 14.00 -16.67
CA ALA C 49 2.00 14.47 -17.84
C ALA C 49 1.83 15.99 -17.80
N LEU C 50 1.55 16.51 -16.62
CA LEU C 50 1.43 17.96 -16.45
C LEU C 50 2.81 18.63 -16.45
N LYS C 51 3.85 17.85 -16.18
CA LYS C 51 5.21 18.34 -16.27
C LYS C 51 5.60 18.57 -17.73
N ASP C 52 5.30 17.60 -18.58
CA ASP C 52 5.60 17.70 -20.00
C ASP C 52 4.72 18.75 -20.66
N LEU C 53 3.45 18.78 -20.29
CA LEU C 53 2.49 19.70 -20.88
C LEU C 53 2.83 21.16 -20.58
N TYR C 54 3.21 21.42 -19.34
CA TYR C 54 3.54 22.78 -18.92
C TYR C 54 5.05 23.00 -18.82
N CYS C 55 5.80 22.20 -19.58
CA CYS C 55 7.26 22.28 -19.62
C CYS C 55 7.88 22.17 -18.24
N ALA E 16 6.98 -16.74 -9.62
CA ALA E 16 7.76 -15.51 -9.80
C ALA E 16 7.00 -14.30 -9.28
N SER E 17 5.88 -13.99 -9.92
CA SER E 17 5.05 -12.87 -9.50
C SER E 17 4.38 -13.16 -8.16
N ASN E 18 4.09 -14.43 -7.92
CA ASN E 18 3.51 -14.87 -6.66
C ASN E 18 4.32 -16.01 -6.04
N PRO E 19 5.43 -15.66 -5.37
CA PRO E 19 6.34 -16.65 -4.77
C PRO E 19 5.69 -17.52 -3.71
N ARG E 20 6.38 -18.59 -3.32
CA ARG E 20 5.88 -19.49 -2.29
C ARG E 20 6.57 -19.21 -0.95
N LYS E 21 7.90 -19.16 -0.98
CA LYS E 21 8.68 -18.90 0.23
C LYS E 21 8.42 -17.50 0.76
N PHE E 22 8.34 -17.37 2.08
CA PHE E 22 8.14 -16.07 2.71
C PHE E 22 9.33 -15.15 2.45
N SER E 23 10.52 -15.74 2.39
CA SER E 23 11.73 -14.97 2.12
C SER E 23 11.68 -14.34 0.73
N GLU E 24 11.11 -15.08 -0.23
CA GLU E 24 10.97 -14.58 -1.59
C GLU E 24 9.90 -13.50 -1.66
N LYS E 25 8.86 -13.62 -0.85
CA LYS E 25 7.80 -12.63 -0.79
C LYS E 25 8.31 -11.30 -0.22
N ILE E 26 9.09 -11.40 0.85
CA ILE E 26 9.68 -10.22 1.48
C ILE E 26 10.63 -9.50 0.52
N ALA E 27 11.44 -10.29 -0.19
CA ALA E 27 12.39 -9.75 -1.15
C ALA E 27 11.68 -9.01 -2.28
N LEU E 28 10.55 -9.55 -2.71
CA LEU E 28 9.76 -8.94 -3.77
C LEU E 28 9.13 -7.63 -3.31
N GLN E 29 8.59 -7.62 -2.09
CA GLN E 29 7.96 -6.43 -1.54
C GLN E 29 8.96 -5.30 -1.32
N LYS E 30 10.17 -5.65 -0.91
CA LYS E 30 11.21 -4.66 -0.69
C LYS E 30 11.77 -4.14 -2.00
N GLN E 31 11.77 -5.00 -3.02
CA GLN E 31 12.22 -4.59 -4.35
C GLN E 31 11.24 -3.57 -4.94
N ARG E 32 9.96 -3.90 -4.89
CA ARG E 32 8.92 -3.02 -5.43
C ARG E 32 8.88 -1.70 -4.66
N GLN E 33 9.05 -1.77 -3.34
CA GLN E 33 9.05 -0.58 -2.51
C GLN E 33 10.21 0.35 -2.86
N ALA E 34 11.37 -0.24 -3.14
CA ALA E 34 12.56 0.53 -3.48
C ALA E 34 12.40 1.23 -4.82
N GLU E 35 11.76 0.55 -5.77
CA GLU E 35 11.55 1.11 -7.10
C GLU E 35 10.61 2.31 -7.06
N GLU E 36 9.52 2.17 -6.32
CA GLU E 36 8.53 3.23 -6.21
C GLU E 36 9.13 4.44 -5.52
N THR E 37 9.77 4.21 -4.38
CA THR E 37 10.41 5.27 -3.61
C THR E 37 11.44 6.01 -4.47
N ALA E 38 12.16 5.27 -5.30
CA ALA E 38 13.13 5.87 -6.21
C ALA E 38 12.43 6.74 -7.24
N ALA E 39 11.29 6.26 -7.72
CA ALA E 39 10.50 6.99 -8.71
C ALA E 39 9.71 8.12 -8.06
N PHE E 40 9.23 7.88 -6.84
CA PHE E 40 8.48 8.89 -6.11
C PHE E 40 9.36 10.07 -5.71
N GLU E 41 10.59 9.77 -5.31
CA GLU E 41 11.52 10.81 -4.88
C GLU E 41 12.14 11.54 -6.07
N GLU E 42 11.79 11.12 -7.28
CA GLU E 42 12.23 11.82 -8.48
C GLU E 42 11.17 12.82 -8.93
N VAL E 43 9.91 12.42 -8.81
CA VAL E 43 8.79 13.29 -9.12
C VAL E 43 8.76 14.48 -8.16
N MET E 44 8.97 14.19 -6.88
CA MET E 44 8.98 15.22 -5.85
C MET E 44 10.26 16.05 -5.90
N MET E 45 11.31 15.47 -6.47
CA MET E 45 12.62 16.11 -6.51
C MET E 45 12.62 17.45 -7.24
N ASP E 46 12.01 17.49 -8.42
CA ASP E 46 12.04 18.68 -9.25
C ASP E 46 10.65 19.28 -9.50
N ILE E 47 9.84 19.35 -8.46
CA ILE E 47 8.54 20.01 -8.54
C ILE E 47 8.74 21.51 -8.70
N GLY E 48 9.71 22.05 -7.97
CA GLY E 48 10.01 23.47 -8.00
C GLY E 48 10.30 23.99 -9.40
N SER E 49 10.89 23.14 -10.22
CA SER E 49 11.17 23.47 -11.61
C SER E 49 9.88 23.72 -12.37
N THR E 50 8.84 22.95 -12.03
CA THR E 50 7.53 23.12 -12.63
C THR E 50 6.80 24.29 -11.99
N ARG E 51 7.04 24.51 -10.71
CA ARG E 51 6.43 25.61 -9.97
C ARG E 51 6.95 26.97 -10.47
N LEU E 52 8.16 26.95 -11.02
CA LEU E 52 8.77 28.17 -11.57
C LEU E 52 8.24 28.48 -12.96
N GLN E 53 7.77 27.44 -13.66
CA GLN E 53 7.23 27.61 -15.00
C GLN E 53 5.98 28.47 -14.99
N ALA E 54 5.18 28.36 -13.93
CA ALA E 54 3.96 29.13 -13.78
C ALA E 54 4.27 30.62 -13.65
N GLN E 55 5.28 30.93 -12.83
CA GLN E 55 5.73 32.32 -12.66
C GLN E 55 6.28 32.86 -13.96
N LYS E 56 6.78 31.97 -14.80
CA LYS E 56 7.29 32.35 -16.12
C LYS E 56 6.13 32.62 -17.09
N LEU E 57 5.02 31.91 -16.87
CA LEU E 57 3.85 32.05 -17.74
C LEU E 57 2.98 33.24 -17.35
N ARG E 58 2.78 33.43 -16.05
CA ARG E 58 1.96 34.52 -15.54
C ARG E 58 2.56 35.88 -15.90
N SER F 15 -3.19 1.79 20.87
CA SER F 15 -3.89 0.64 20.34
C SER F 15 -5.21 1.05 19.68
N ALA F 16 -5.38 2.36 19.48
CA ALA F 16 -6.57 2.89 18.82
C ALA F 16 -6.48 2.70 17.31
N SER F 17 -5.39 3.17 16.72
CA SER F 17 -5.14 3.00 15.30
C SER F 17 -4.59 1.61 15.02
N ASN F 18 -4.22 0.92 16.08
CA ASN F 18 -3.72 -0.45 15.99
C ASN F 18 -4.49 -1.40 16.90
N PRO F 19 -5.66 -1.85 16.45
CA PRO F 19 -6.55 -2.72 17.23
C PRO F 19 -5.92 -4.08 17.54
N ARG F 20 -6.63 -4.91 18.31
CA ARG F 20 -6.15 -6.24 18.63
C ARG F 20 -6.87 -7.30 17.81
N LYS F 21 -8.19 -7.19 17.74
CA LYS F 21 -9.00 -8.13 16.98
C LYS F 21 -8.78 -7.96 15.48
N PHE F 22 -8.63 -9.08 14.77
CA PHE F 22 -8.39 -9.06 13.34
C PHE F 22 -9.58 -8.45 12.59
N SER F 23 -10.78 -8.67 13.12
CA SER F 23 -11.99 -8.12 12.53
C SER F 23 -11.95 -6.59 12.54
N GLU F 24 -11.42 -6.04 13.62
CA GLU F 24 -11.26 -4.60 13.75
C GLU F 24 -10.18 -4.08 12.81
N LYS F 25 -9.14 -4.90 12.61
CA LYS F 25 -8.05 -4.53 11.71
C LYS F 25 -8.52 -4.51 10.26
N ILE F 26 -9.25 -5.55 9.86
CA ILE F 26 -9.78 -5.65 8.51
C ILE F 26 -10.73 -4.48 8.20
N ALA F 27 -11.64 -4.22 9.13
CA ALA F 27 -12.60 -3.13 8.97
C ALA F 27 -11.91 -1.78 8.87
N LEU F 28 -10.78 -1.66 9.56
CA LEU F 28 -10.00 -0.42 9.53
C LEU F 28 -9.34 -0.21 8.17
N GLN F 29 -8.77 -1.28 7.63
CA GLN F 29 -8.13 -1.22 6.32
C GLN F 29 -9.15 -0.98 5.22
N LYS F 30 -10.34 -1.55 5.40
CA LYS F 30 -11.44 -1.34 4.46
C LYS F 30 -11.88 0.12 4.48
N GLN F 31 -11.93 0.70 5.67
CA GLN F 31 -12.33 2.09 5.84
C GLN F 31 -11.34 3.03 5.18
N ARG F 32 -10.06 2.83 5.45
CA ARG F 32 -9.01 3.68 4.88
C ARG F 32 -8.96 3.56 3.37
N GLN F 33 -9.12 2.34 2.86
CA GLN F 33 -9.12 2.09 1.43
C GLN F 33 -10.25 2.83 0.74
N ALA F 34 -11.41 2.89 1.40
CA ALA F 34 -12.56 3.59 0.86
C ALA F 34 -12.30 5.09 0.80
N GLU F 35 -11.62 5.61 1.83
CA GLU F 35 -11.29 7.03 1.89
C GLU F 35 -10.26 7.40 0.83
N GLU F 36 -9.20 6.62 0.75
CA GLU F 36 -8.12 6.88 -0.20
C GLU F 36 -8.60 6.81 -1.64
N THR F 37 -9.50 5.87 -1.90
CA THR F 37 -10.05 5.69 -3.25
C THR F 37 -11.00 6.85 -3.58
N ALA F 38 -11.75 7.29 -2.59
CA ALA F 38 -12.71 8.37 -2.78
C ALA F 38 -12.03 9.67 -3.20
N ALA F 39 -10.92 9.99 -2.54
CA ALA F 39 -10.16 11.19 -2.85
C ALA F 39 -9.45 11.05 -4.19
N PHE F 40 -8.99 9.83 -4.48
CA PHE F 40 -8.28 9.55 -5.73
C PHE F 40 -9.22 9.64 -6.93
N GLU F 41 -10.47 9.26 -6.73
CA GLU F 41 -11.46 9.31 -7.80
C GLU F 41 -12.01 10.72 -7.99
N GLU F 42 -11.49 11.66 -7.22
CA GLU F 42 -11.90 13.06 -7.33
C GLU F 42 -10.84 13.87 -8.09
N VAL F 43 -9.59 13.68 -7.71
CA VAL F 43 -8.48 14.39 -8.34
C VAL F 43 -8.29 13.97 -9.78
N MET F 44 -8.53 12.68 -10.05
CA MET F 44 -8.37 12.13 -11.39
C MET F 44 -9.62 12.32 -12.24
N MET F 45 -10.73 12.68 -11.59
CA MET F 45 -12.00 12.83 -12.30
C MET F 45 -12.01 14.09 -13.16
N ASP F 46 -11.95 15.25 -12.51
CA ASP F 46 -11.99 16.53 -13.21
C ASP F 46 -10.62 16.95 -13.71
N ILE F 47 -9.80 15.98 -14.09
CA ILE F 47 -8.48 16.27 -14.64
C ILE F 47 -8.62 16.77 -16.08
N GLY F 48 -9.74 16.44 -16.71
CA GLY F 48 -10.00 16.84 -18.08
C GLY F 48 -10.26 18.34 -18.22
N SER F 49 -10.87 18.92 -17.18
CA SER F 49 -11.16 20.35 -17.17
C SER F 49 -9.86 21.15 -17.07
N THR F 50 -8.83 20.53 -16.51
CA THR F 50 -7.53 21.17 -16.37
C THR F 50 -6.79 21.17 -17.70
N ARG F 51 -6.92 20.08 -18.44
CA ARG F 51 -6.25 19.93 -19.73
C ARG F 51 -6.89 20.84 -20.78
N LEU F 52 -8.13 21.27 -20.52
CA LEU F 52 -8.82 22.20 -21.41
C LEU F 52 -8.37 23.63 -21.16
N GLN F 53 -7.99 23.92 -19.92
CA GLN F 53 -7.48 25.24 -19.55
C GLN F 53 -6.12 25.48 -20.19
N ALA F 54 -5.45 24.38 -20.54
CA ALA F 54 -4.12 24.45 -21.16
C ALA F 54 -4.18 25.02 -22.57
N GLN F 55 -5.32 24.84 -23.24
CA GLN F 55 -5.50 25.33 -24.59
C GLN F 55 -5.48 26.85 -24.65
N LYS F 56 -5.91 27.48 -23.56
CA LYS F 56 -5.95 28.94 -23.48
C LYS F 56 -4.56 29.55 -23.60
N LEU F 57 -3.56 28.87 -23.05
CA LEU F 57 -2.18 29.35 -23.09
C LEU F 57 -1.64 29.33 -24.52
N ARG F 58 -1.60 28.15 -25.12
CA ARG F 58 -1.10 27.99 -26.48
C ARG F 58 -2.06 28.60 -27.49
#